data_3TDF
#
_entry.id   3TDF
#
_cell.length_a   52.235
_cell.length_b   121.947
_cell.length_c   51.131
_cell.angle_alpha   90.00
_cell.angle_beta   115.90
_cell.angle_gamma   90.00
#
_symmetry.space_group_name_H-M   'P 1 21 1'
#
loop_
_entity.id
_entity.type
_entity.pdbx_description
1 polymer 'Dihydrodipicolinate synthase'
2 non-polymer '2-KETOBUTYRIC ACID'
3 water water
#
_entity_poly.entity_id   1
_entity_poly.type   'polypeptide(L)'
_entity_poly.pdbx_seq_one_letter_code
;TIQGSIVAIVTPMLKDGGVDWKSLEKLVEWHIEQGTNSIVAVGTTGEASTLSMEEHTQVIKEIIRVANKRIPIIAGTGAN
STREAIELTKAAKDLGADAALLVTPYYNKPTQEGLYQHYKAIAEAVELPLILYNVPGRTGVDLSNDTAVRLAEIPNIVGI
KDATGDVPRGKALIDALNGKMAVYSGDDETAWELMLLGADGNISVTANIAPKAMSEVCAVAIAKDEQQAKTLNNKIANLH
NILFCESNPIPVKWALHEMGLIDTGIRLPLTPLAEQYREPLRNALKDAGII
;
_entity_poly.pdbx_strand_id   A,B
#
loop_
_chem_comp.id
_chem_comp.type
_chem_comp.name
_chem_comp.formula
2KT non-polymer '2-KETOBUTYRIC ACID' 'C4 H6 O3'
#
# COMPACT_ATOMS: atom_id res chain seq x y z
N THR A 1 -6.24 -17.63 22.45
CA THR A 1 -6.22 -19.09 22.08
C THR A 1 -4.95 -19.53 21.28
N ILE A 2 -4.77 -19.13 20.03
CA ILE A 2 -3.56 -19.49 19.29
C ILE A 2 -2.30 -18.87 19.90
N GLN A 3 -1.33 -19.68 20.29
CA GLN A 3 -0.11 -19.18 20.94
C GLN A 3 1.16 -19.79 20.38
N GLY A 4 2.27 -19.13 20.61
CA GLY A 4 3.57 -19.70 20.30
C GLY A 4 4.18 -19.09 19.04
N SER A 5 5.01 -19.88 18.37
CA SER A 5 5.67 -19.47 17.13
C SER A 5 4.77 -19.69 15.92
N ILE A 6 4.33 -18.59 15.32
CA ILE A 6 3.40 -18.63 14.20
C ILE A 6 4.21 -18.15 12.98
N VAL A 7 4.63 -19.10 12.13
CA VAL A 7 5.42 -18.68 10.95
C VAL A 7 4.57 -18.01 9.87
N ALA A 8 5.05 -16.87 9.39
CA ALA A 8 4.42 -16.26 8.24
C ALA A 8 5.14 -16.90 7.08
N ILE A 9 4.62 -18.02 6.61
CA ILE A 9 5.34 -18.81 5.62
C ILE A 9 5.46 -18.10 4.27
N VAL A 10 6.64 -18.25 3.67
CA VAL A 10 6.90 -17.78 2.31
C VAL A 10 6.06 -18.64 1.37
N THR A 11 5.85 -18.16 0.16
CA THR A 11 5.25 -18.96 -0.88
C THR A 11 6.38 -19.32 -1.83
N PRO A 12 6.87 -20.58 -1.76
CA PRO A 12 7.94 -21.01 -2.66
C PRO A 12 7.54 -20.88 -4.12
N MET A 13 8.47 -20.43 -4.94
CA MET A 13 8.19 -20.25 -6.36
C MET A 13 9.28 -20.82 -7.23
N LEU A 14 8.88 -21.27 -8.41
CA LEU A 14 9.81 -21.72 -9.43
C LEU A 14 10.48 -20.48 -10.01
N LYS A 15 11.55 -20.68 -10.78
CA LYS A 15 12.27 -19.56 -11.38
C LYS A 15 11.42 -18.64 -12.21
N ASP A 16 10.41 -19.17 -12.90
CA ASP A 16 9.51 -18.29 -13.68
C ASP A 16 8.42 -17.66 -12.82
N GLY A 17 8.53 -17.78 -11.49
CA GLY A 17 7.55 -17.19 -10.58
C GLY A 17 6.32 -18.03 -10.30
N GLY A 18 6.12 -19.15 -11.02
CA GLY A 18 5.01 -20.07 -10.72
C GLY A 18 5.15 -20.60 -9.28
N VAL A 19 4.05 -20.83 -8.59
CA VAL A 19 4.08 -21.37 -7.21
C VAL A 19 4.67 -22.79 -7.27
N ASP A 20 5.62 -23.06 -6.38
CA ASP A 20 6.26 -24.38 -6.26
C ASP A 20 5.52 -25.23 -5.24
N TRP A 21 4.53 -25.97 -5.71
CA TRP A 21 3.62 -26.69 -4.82
C TRP A 21 4.26 -27.76 -3.97
N LYS A 22 5.18 -28.51 -4.57
CA LYS A 22 5.90 -29.56 -3.85
C LYS A 22 6.75 -28.97 -2.74
N SER A 23 7.47 -27.88 -3.02
CA SER A 23 8.28 -27.27 -1.99
C SER A 23 7.45 -26.67 -0.87
N LEU A 24 6.29 -26.12 -1.20
CA LEU A 24 5.40 -25.58 -0.19
C LEU A 24 4.96 -26.72 0.74
N GLU A 25 4.53 -27.82 0.15
CA GLU A 25 4.10 -28.98 0.94
C GLU A 25 5.19 -29.42 1.91
N LYS A 26 6.43 -29.53 1.43
CA LYS A 26 7.53 -29.95 2.27
C LYS A 26 7.77 -28.98 3.43
N LEU A 27 7.78 -27.67 3.13
CA LEU A 27 7.92 -26.66 4.21
C LEU A 27 6.91 -26.85 5.33
N VAL A 28 5.64 -27.04 4.97
CA VAL A 28 4.55 -27.17 5.95
C VAL A 28 4.77 -28.40 6.88
N GLU A 29 5.11 -29.55 6.28
CA GLU A 29 5.45 -30.74 6.99
C GLU A 29 6.68 -30.49 7.90
N TRP A 30 7.69 -29.82 7.36
CA TRP A 30 8.87 -29.47 8.13
C TRP A 30 8.50 -28.59 9.32
N HIS A 31 7.65 -27.61 9.11
CA HIS A 31 7.26 -26.77 10.23
C HIS A 31 6.56 -27.57 11.32
N ILE A 32 5.68 -28.45 10.89
CA ILE A 32 4.89 -29.21 11.85
C ILE A 32 5.79 -30.09 12.65
N GLU A 33 6.70 -30.73 11.96
CA GLU A 33 7.66 -31.62 12.58
C GLU A 33 8.58 -30.89 13.53
N GLN A 34 8.96 -29.67 13.18
CA GLN A 34 9.95 -28.92 13.94
C GLN A 34 9.40 -28.18 15.16
N GLY A 35 8.08 -28.16 15.34
CA GLY A 35 7.51 -27.52 16.53
C GLY A 35 6.77 -26.21 16.30
N THR A 36 6.72 -25.73 15.06
CA THR A 36 5.99 -24.51 14.71
C THR A 36 4.54 -24.67 15.12
N ASN A 37 3.98 -23.69 15.81
CA ASN A 37 2.65 -23.84 16.40
C ASN A 37 1.49 -23.47 15.48
N SER A 38 1.76 -22.60 14.52
CA SER A 38 0.72 -22.17 13.59
C SER A 38 1.36 -21.63 12.34
N ILE A 39 0.65 -21.63 11.24
CA ILE A 39 1.13 -21.05 9.98
C ILE A 39 0.21 -19.95 9.50
N VAL A 40 0.78 -18.78 9.17
CA VAL A 40 0.02 -17.78 8.41
C VAL A 40 0.28 -17.95 6.92
N ALA A 41 -0.78 -18.21 6.18
CA ALA A 41 -0.71 -18.46 4.75
C ALA A 41 -0.93 -17.15 4.02
N VAL A 42 -0.10 -16.89 3.02
CA VAL A 42 -0.18 -15.69 2.18
C VAL A 42 -0.35 -14.40 3.00
N GLY A 43 0.58 -14.20 3.93
CA GLY A 43 0.71 -12.92 4.63
C GLY A 43 1.68 -12.11 3.81
N THR A 44 2.28 -11.08 4.40
CA THR A 44 3.23 -10.24 3.69
C THR A 44 4.39 -11.07 3.21
N THR A 45 4.87 -11.90 4.13
CA THR A 45 6.04 -12.75 3.91
C THR A 45 5.69 -13.76 2.80
N GLY A 46 4.41 -14.06 2.68
CA GLY A 46 3.97 -15.01 1.65
C GLY A 46 3.68 -14.35 0.30
N GLU A 47 4.09 -13.09 0.15
CA GLU A 47 3.86 -12.34 -1.10
C GLU A 47 2.38 -12.32 -1.51
N ALA A 48 1.50 -12.03 -0.55
CA ALA A 48 0.05 -11.84 -0.84
C ALA A 48 -0.20 -10.89 -2.01
N SER A 49 0.59 -9.81 -2.08
CA SER A 49 0.36 -8.76 -3.06
C SER A 49 0.51 -9.23 -4.48
N THR A 50 1.37 -10.19 -4.74
CA THR A 50 1.65 -10.59 -6.13
C THR A 50 1.02 -11.90 -6.54
N LEU A 51 0.28 -12.51 -5.63
CA LEU A 51 -0.46 -13.73 -5.92
C LEU A 51 -1.86 -13.33 -6.27
N SER A 52 -2.39 -13.89 -7.35
CA SER A 52 -3.79 -13.69 -7.71
C SER A 52 -4.79 -14.24 -6.68
N MET A 53 -6.05 -13.86 -6.86
CA MET A 53 -7.14 -14.34 -6.03
C MET A 53 -7.27 -15.87 -5.99
N GLU A 54 -7.19 -16.49 -7.16
CA GLU A 54 -7.18 -17.95 -7.26
C GLU A 54 -5.97 -18.54 -6.53
N GLU A 55 -4.80 -17.92 -6.67
CA GLU A 55 -3.58 -18.44 -6.05
C GLU A 55 -3.62 -18.31 -4.54
N HIS A 56 -4.22 -17.22 -4.04
CA HIS A 56 -4.50 -16.99 -2.62
C HIS A 56 -5.27 -18.25 -2.09
N THR A 57 -6.35 -18.59 -2.79
CA THR A 57 -7.17 -19.76 -2.48
C THR A 57 -6.37 -21.07 -2.54
N GLN A 58 -5.67 -21.30 -3.65
CA GLN A 58 -4.88 -22.51 -3.83
C GLN A 58 -3.87 -22.67 -2.71
N VAL A 59 -3.12 -21.60 -2.41
CA VAL A 59 -2.13 -21.66 -1.34
C VAL A 59 -2.78 -21.97 0.03
N ILE A 60 -3.88 -21.27 0.35
CA ILE A 60 -4.59 -21.53 1.60
C ILE A 60 -5.04 -22.99 1.64
N LYS A 61 -5.65 -23.44 0.54
CA LYS A 61 -6.17 -24.78 0.42
C LYS A 61 -5.08 -25.81 0.62
N GLU A 62 -3.95 -25.63 -0.06
CA GLU A 62 -2.82 -26.55 0.05
C GLU A 62 -2.22 -26.64 1.44
N ILE A 63 -2.12 -25.50 2.14
CA ILE A 63 -1.49 -25.51 3.47
C ILE A 63 -2.41 -26.20 4.45
N ILE A 64 -3.70 -25.94 4.32
CA ILE A 64 -4.71 -26.60 5.14
C ILE A 64 -4.73 -28.12 4.88
N ARG A 65 -4.68 -28.50 3.60
CA ARG A 65 -4.68 -29.91 3.21
C ARG A 65 -3.50 -30.63 3.82
N VAL A 66 -2.30 -30.10 3.59
CA VAL A 66 -1.07 -30.71 4.12
C VAL A 66 -0.98 -30.68 5.66
N ALA A 67 -1.53 -29.63 6.29
CA ALA A 67 -1.52 -29.54 7.75
C ALA A 67 -2.43 -30.59 8.37
N ASN A 68 -3.59 -30.83 7.74
CA ASN A 68 -4.49 -31.90 8.15
C ASN A 68 -4.86 -31.75 9.65
N LYS A 69 -5.14 -30.52 10.04
CA LYS A 69 -5.59 -30.15 11.40
C LYS A 69 -4.60 -30.42 12.53
N ARG A 70 -3.33 -30.62 12.22
CA ARG A 70 -2.34 -30.79 13.29
C ARG A 70 -1.99 -29.47 13.99
N ILE A 71 -2.10 -28.35 13.27
CA ILE A 71 -1.88 -27.03 13.84
C ILE A 71 -2.78 -26.01 13.16
N PRO A 72 -3.26 -25.01 13.90
CA PRO A 72 -4.17 -24.05 13.29
C PRO A 72 -3.50 -23.32 12.12
N ILE A 73 -4.30 -23.02 11.10
CA ILE A 73 -3.83 -22.26 9.93
C ILE A 73 -4.56 -20.92 9.86
N ILE A 74 -3.80 -19.84 9.82
CA ILE A 74 -4.36 -18.50 9.75
C ILE A 74 -4.14 -17.92 8.36
N ALA A 75 -5.22 -17.53 7.70
CA ALA A 75 -5.11 -17.04 6.33
C ALA A 75 -4.92 -15.50 6.27
N GLY A 76 -3.91 -15.04 5.54
CA GLY A 76 -3.77 -13.60 5.27
C GLY A 76 -4.86 -13.21 4.28
N THR A 77 -5.70 -12.26 4.64
CA THR A 77 -6.84 -11.84 3.78
C THR A 77 -7.00 -10.31 3.69
N GLY A 78 -5.92 -9.60 3.98
CA GLY A 78 -5.91 -8.15 3.95
C GLY A 78 -6.12 -7.55 2.57
N ALA A 79 -6.63 -6.33 2.55
CA ALA A 79 -6.87 -5.62 1.30
C ALA A 79 -7.04 -4.17 1.70
N ASN A 80 -6.81 -3.24 0.77
CA ASN A 80 -7.06 -1.83 1.14
C ASN A 80 -8.46 -1.39 0.76
N SER A 81 -9.24 -2.34 0.26
CA SER A 81 -10.65 -2.15 -0.03
C SER A 81 -11.41 -3.00 0.99
N THR A 82 -12.40 -2.41 1.65
CA THR A 82 -13.23 -3.18 2.61
C THR A 82 -14.04 -4.27 1.94
N ARG A 83 -14.59 -3.97 0.77
CA ARG A 83 -15.33 -4.97 0.02
C ARG A 83 -14.46 -6.20 -0.30
N GLU A 84 -13.25 -5.94 -0.77
CA GLU A 84 -12.33 -6.98 -1.19
C GLU A 84 -11.83 -7.78 0.01
N ALA A 85 -11.56 -7.11 1.12
CA ALA A 85 -11.21 -7.78 2.39
C ALA A 85 -12.29 -8.78 2.81
N ILE A 86 -13.54 -8.40 2.65
CA ILE A 86 -14.68 -9.26 3.00
C ILE A 86 -14.65 -10.52 2.14
N GLU A 87 -14.49 -10.32 0.83
CA GLU A 87 -14.49 -11.44 -0.11
C GLU A 87 -13.36 -12.42 0.17
N LEU A 88 -12.16 -11.91 0.37
CA LEU A 88 -11.02 -12.78 0.70
C LEU A 88 -11.26 -13.53 2.04
N THR A 89 -11.80 -12.83 3.02
CA THR A 89 -12.00 -13.41 4.36
C THR A 89 -13.09 -14.49 4.33
N LYS A 90 -14.12 -14.25 3.53
CA LYS A 90 -15.18 -15.24 3.31
C LYS A 90 -14.61 -16.50 2.65
N ALA A 91 -13.77 -16.30 1.63
CA ALA A 91 -13.14 -17.44 0.95
C ALA A 91 -12.29 -18.22 1.94
N ALA A 92 -11.54 -17.51 2.77
CA ALA A 92 -10.70 -18.15 3.77
C ALA A 92 -11.55 -18.99 4.75
N LYS A 93 -12.66 -18.41 5.21
CA LYS A 93 -13.59 -19.14 6.06
C LYS A 93 -14.05 -20.43 5.36
N ASP A 94 -14.53 -20.27 4.13
CA ASP A 94 -14.98 -21.36 3.30
C ASP A 94 -13.94 -22.45 3.12
N LEU A 95 -12.65 -22.09 3.08
CA LEU A 95 -11.59 -23.09 2.94
C LEU A 95 -11.24 -23.82 4.24
N GLY A 96 -11.77 -23.33 5.35
CA GLY A 96 -11.54 -23.97 6.63
C GLY A 96 -10.42 -23.33 7.40
N ALA A 97 -10.07 -22.09 7.06
CA ALA A 97 -9.02 -21.40 7.81
C ALA A 97 -9.51 -21.31 9.26
N ASP A 98 -8.57 -21.31 10.21
CA ASP A 98 -8.93 -21.19 11.61
C ASP A 98 -9.13 -19.75 12.02
N ALA A 99 -8.52 -18.84 11.26
CA ALA A 99 -8.62 -17.41 11.52
C ALA A 99 -8.08 -16.69 10.29
N ALA A 100 -8.25 -15.38 10.28
CA ALA A 100 -7.76 -14.55 9.17
C ALA A 100 -6.87 -13.46 9.74
N LEU A 101 -5.82 -13.12 8.99
CA LEU A 101 -4.95 -12.02 9.36
C LEU A 101 -5.17 -10.85 8.39
N LEU A 102 -5.52 -9.68 8.91
CA LEU A 102 -5.87 -8.57 8.02
C LEU A 102 -5.07 -7.32 8.34
N VAL A 103 -4.07 -7.07 7.50
CA VAL A 103 -3.29 -5.84 7.59
C VAL A 103 -4.22 -4.64 7.44
N THR A 104 -3.89 -3.54 8.12
CA THR A 104 -4.68 -2.32 7.93
C THR A 104 -4.57 -1.95 6.45
N PRO A 105 -5.66 -1.47 5.86
CA PRO A 105 -5.59 -0.95 4.50
C PRO A 105 -4.34 -0.09 4.32
N TYR A 106 -3.60 -0.35 3.25
CA TYR A 106 -2.35 0.34 2.97
C TYR A 106 -2.60 1.32 1.82
N TYR A 107 -1.69 2.27 1.68
CA TYR A 107 -1.72 3.25 0.56
C TYR A 107 -2.82 4.29 0.61
N ASN A 108 -4.07 3.88 0.80
CA ASN A 108 -5.17 4.86 0.83
C ASN A 108 -5.40 5.60 2.15
N LYS A 109 -4.62 5.28 3.19
CA LYS A 109 -4.56 6.02 4.46
C LYS A 109 -5.92 6.34 5.11
N PRO A 110 -6.68 5.33 5.51
CA PRO A 110 -7.95 5.70 6.17
C PRO A 110 -7.74 6.41 7.50
N THR A 111 -8.78 7.07 7.99
CA THR A 111 -8.75 7.72 9.31
C THR A 111 -8.84 6.61 10.39
N GLN A 112 -8.71 6.98 11.66
CA GLN A 112 -8.88 5.98 12.71
C GLN A 112 -10.30 5.41 12.68
N GLU A 113 -11.28 6.29 12.52
CA GLU A 113 -12.67 5.86 12.40
C GLU A 113 -12.88 4.97 11.16
N GLY A 114 -12.20 5.29 10.05
CA GLY A 114 -12.24 4.43 8.87
C GLY A 114 -11.69 3.02 9.15
N LEU A 115 -10.57 2.94 9.86
CA LEU A 115 -9.98 1.65 10.25
C LEU A 115 -10.95 0.84 11.12
N TYR A 116 -11.59 1.53 12.06
CA TYR A 116 -12.58 0.93 12.94
C TYR A 116 -13.74 0.36 12.13
N GLN A 117 -14.31 1.15 11.22
CA GLN A 117 -15.45 0.70 10.41
C GLN A 117 -15.09 -0.40 9.40
N HIS A 118 -13.89 -0.31 8.84
CA HIS A 118 -13.35 -1.33 7.95
C HIS A 118 -13.39 -2.69 8.67
N TYR A 119 -12.70 -2.78 9.80
CA TYR A 119 -12.64 -4.01 10.54
C TYR A 119 -13.99 -4.43 11.14
N LYS A 120 -14.77 -3.46 11.63
CA LYS A 120 -16.13 -3.76 12.09
C LYS A 120 -16.97 -4.39 10.99
N ALA A 121 -16.90 -3.84 9.77
CA ALA A 121 -17.67 -4.38 8.65
C ALA A 121 -17.23 -5.80 8.29
N ILE A 122 -15.95 -6.06 8.40
CA ILE A 122 -15.46 -7.36 8.09
C ILE A 122 -15.93 -8.40 9.12
N ALA A 123 -15.82 -8.04 10.37
CA ALA A 123 -16.26 -8.88 11.50
C ALA A 123 -17.74 -9.22 11.41
N GLU A 124 -18.57 -8.25 11.03
CA GLU A 124 -19.98 -8.47 10.96
C GLU A 124 -20.36 -9.26 9.70
N ALA A 125 -19.51 -9.19 8.67
CA ALA A 125 -19.79 -9.88 7.41
C ALA A 125 -19.45 -11.37 7.46
N VAL A 126 -18.41 -11.72 8.20
CA VAL A 126 -17.85 -13.07 8.16
C VAL A 126 -17.66 -13.62 9.56
N GLU A 127 -18.36 -14.70 9.89
CA GLU A 127 -18.19 -15.34 11.18
C GLU A 127 -16.86 -16.10 11.23
N LEU A 128 -15.77 -15.40 11.51
CA LEU A 128 -14.45 -16.03 11.53
C LEU A 128 -13.55 -15.24 12.45
N PRO A 129 -12.76 -15.93 13.27
CA PRO A 129 -11.81 -15.19 14.10
C PRO A 129 -10.85 -14.32 13.27
N LEU A 130 -10.78 -13.04 13.63
CA LEU A 130 -9.96 -12.07 12.88
C LEU A 130 -8.81 -11.53 13.70
N ILE A 131 -7.67 -11.36 13.03
CA ILE A 131 -6.48 -10.83 13.68
C ILE A 131 -5.98 -9.58 12.94
N LEU A 132 -5.99 -8.45 13.65
CA LEU A 132 -5.58 -7.18 13.09
C LEU A 132 -4.07 -7.23 12.87
N TYR A 133 -3.58 -6.37 12.00
CA TYR A 133 -2.17 -6.35 11.74
C TYR A 133 -1.74 -4.92 11.38
N ASN A 134 -0.93 -4.36 12.27
CA ASN A 134 -0.45 -3.00 12.12
C ASN A 134 1.05 -2.98 11.81
N VAL A 135 1.41 -2.42 10.68
CA VAL A 135 2.79 -2.27 10.26
C VAL A 135 3.10 -0.92 9.57
N PRO A 136 2.87 0.17 10.30
CA PRO A 136 2.83 1.52 9.70
C PRO A 136 3.89 1.87 8.63
N GLY A 137 5.11 1.36 8.77
CA GLY A 137 6.18 1.69 7.83
C GLY A 137 5.91 1.16 6.42
N ARG A 138 5.11 0.11 6.30
CA ARG A 138 4.66 -0.44 5.00
C ARG A 138 3.35 0.16 4.50
N THR A 139 2.43 0.46 5.41
CA THR A 139 1.08 0.78 4.99
C THR A 139 0.80 2.28 4.86
N GLY A 140 1.60 3.11 5.50
CA GLY A 140 1.31 4.55 5.56
C GLY A 140 0.22 4.93 6.56
N VAL A 141 -0.19 3.99 7.40
CA VAL A 141 -1.17 4.30 8.43
C VAL A 141 -0.82 3.56 9.72
N ASP A 142 -1.10 4.21 10.84
CA ASP A 142 -0.87 3.61 12.14
C ASP A 142 -2.19 3.43 12.88
N LEU A 143 -2.60 2.16 13.02
CA LEU A 143 -3.73 1.83 13.88
C LEU A 143 -3.35 2.04 15.35
N SER A 144 -3.94 3.06 16.00
CA SER A 144 -3.53 3.41 17.37
C SER A 144 -3.95 2.32 18.37
N ASN A 145 -3.32 2.31 19.53
CA ASN A 145 -3.73 1.44 20.65
C ASN A 145 -5.19 1.69 20.97
N ASP A 146 -5.60 2.97 20.96
CA ASP A 146 -6.99 3.30 21.24
C ASP A 146 -7.98 2.60 20.32
N THR A 147 -7.74 2.70 19.01
CA THR A 147 -8.60 2.05 18.03
C THR A 147 -8.55 0.52 18.15
N ALA A 148 -7.36 -0.02 18.42
CA ALA A 148 -7.23 -1.47 18.64
C ALA A 148 -8.05 -1.93 19.86
N VAL A 149 -7.90 -1.23 20.99
CA VAL A 149 -8.71 -1.52 22.19
C VAL A 149 -10.21 -1.44 21.87
N ARG A 150 -10.63 -0.44 21.09
CA ARG A 150 -12.05 -0.37 20.68
C ARG A 150 -12.48 -1.57 19.86
N LEU A 151 -11.63 -1.99 18.94
CA LEU A 151 -11.99 -3.10 18.07
C LEU A 151 -12.00 -4.43 18.84
N ALA A 152 -11.24 -4.51 19.92
CA ALA A 152 -11.25 -5.69 20.78
C ALA A 152 -12.64 -5.96 21.36
N GLU A 153 -13.52 -4.95 21.35
CA GLU A 153 -14.90 -5.12 21.82
C GLU A 153 -15.72 -5.99 20.87
N ILE A 154 -15.38 -5.95 19.57
CA ILE A 154 -16.10 -6.73 18.56
C ILE A 154 -15.79 -8.22 18.75
N PRO A 155 -16.85 -9.04 18.85
CA PRO A 155 -16.76 -10.47 19.25
C PRO A 155 -15.65 -11.29 18.56
N ASN A 156 -15.63 -11.26 17.23
CA ASN A 156 -14.69 -12.07 16.46
C ASN A 156 -13.37 -11.38 16.09
N ILE A 157 -13.08 -10.22 16.69
CA ILE A 157 -11.76 -9.67 16.61
C ILE A 157 -10.97 -10.21 17.80
N VAL A 158 -10.10 -11.18 17.52
CA VAL A 158 -9.51 -11.99 18.59
C VAL A 158 -8.03 -11.68 18.83
N GLY A 159 -7.46 -10.79 18.03
CA GLY A 159 -6.07 -10.46 18.25
C GLY A 159 -5.53 -9.37 17.37
N ILE A 160 -4.28 -9.02 17.61
CA ILE A 160 -3.60 -8.06 16.75
C ILE A 160 -2.16 -8.44 16.63
N LYS A 161 -1.67 -8.32 15.41
CA LYS A 161 -0.26 -8.45 15.17
C LYS A 161 0.40 -7.07 15.18
N ASP A 162 1.23 -6.82 16.19
CA ASP A 162 1.89 -5.54 16.40
C ASP A 162 3.30 -5.57 15.83
N ALA A 163 3.48 -5.01 14.64
CA ALA A 163 4.79 -5.08 13.98
C ALA A 163 5.59 -3.79 14.14
N THR A 164 5.18 -2.92 15.08
CA THR A 164 5.87 -1.64 15.31
C THR A 164 7.30 -1.84 15.84
N GLY A 165 7.54 -2.92 16.55
CA GLY A 165 8.84 -3.11 17.19
C GLY A 165 9.06 -2.14 18.35
N ASP A 166 7.99 -1.51 18.80
CA ASP A 166 7.99 -0.52 19.87
C ASP A 166 7.46 -1.20 21.14
N VAL A 167 8.37 -1.64 21.99
CA VAL A 167 8.02 -2.47 23.15
C VAL A 167 7.23 -1.72 24.21
N PRO A 168 7.61 -0.46 24.52
CA PRO A 168 6.77 0.25 25.49
C PRO A 168 5.34 0.40 25.02
N ARG A 169 5.18 0.66 23.73
CA ARG A 169 3.85 0.79 23.16
C ARG A 169 3.08 -0.54 23.13
N GLY A 170 3.78 -1.63 22.84
CA GLY A 170 3.17 -2.96 22.80
C GLY A 170 2.72 -3.37 24.20
N LYS A 171 3.58 -3.10 25.18
CA LYS A 171 3.20 -3.33 26.60
C LYS A 171 1.94 -2.56 27.01
N ALA A 172 1.83 -1.32 26.55
CA ALA A 172 0.72 -0.44 26.89
C ALA A 172 -0.56 -1.06 26.32
N LEU A 173 -0.47 -1.52 25.06
CA LEU A 173 -1.58 -2.18 24.41
C LEU A 173 -2.00 -3.42 25.19
N ILE A 174 -1.05 -4.28 25.55
CA ILE A 174 -1.35 -5.51 26.33
C ILE A 174 -2.10 -5.17 27.63
N ASP A 175 -1.54 -4.20 28.38
CA ASP A 175 -2.09 -3.79 29.67
C ASP A 175 -3.50 -3.22 29.52
N ALA A 176 -3.73 -2.44 28.47
CA ALA A 176 -5.04 -1.81 28.27
C ALA A 176 -6.09 -2.79 27.81
N LEU A 177 -5.66 -3.83 27.08
CA LEU A 177 -6.59 -4.85 26.60
C LEU A 177 -7.01 -5.71 27.77
N ASN A 178 -6.10 -5.85 28.73
CA ASN A 178 -6.32 -6.69 29.88
C ASN A 178 -7.02 -7.98 29.47
N GLY A 179 -6.46 -8.66 28.47
CA GLY A 179 -6.97 -9.96 28.07
C GLY A 179 -8.07 -10.02 27.02
N LYS A 180 -8.66 -8.87 26.62
CA LYS A 180 -9.82 -8.89 25.71
C LYS A 180 -9.51 -9.43 24.30
N MET A 181 -8.27 -9.27 23.87
CA MET A 181 -7.81 -9.97 22.67
C MET A 181 -6.32 -10.23 22.76
N ALA A 182 -5.83 -11.11 21.90
CA ALA A 182 -4.40 -11.47 21.90
C ALA A 182 -3.56 -10.38 21.25
N VAL A 183 -2.32 -10.24 21.70
CA VAL A 183 -1.33 -9.42 21.04
C VAL A 183 -0.22 -10.35 20.59
N TYR A 184 0.12 -10.30 19.29
CA TYR A 184 1.22 -11.07 18.76
C TYR A 184 2.29 -10.12 18.30
N SER A 185 3.55 -10.45 18.55
CA SER A 185 4.62 -9.66 17.99
C SER A 185 4.65 -9.82 16.47
N GLY A 186 4.88 -8.72 15.75
CA GLY A 186 5.19 -8.80 14.34
C GLY A 186 6.59 -8.33 14.09
N ASP A 187 7.41 -8.32 15.13
CA ASP A 187 8.82 -7.88 15.06
C ASP A 187 9.75 -8.89 15.70
N ASP A 188 10.41 -9.71 14.89
CA ASP A 188 11.29 -10.79 15.40
C ASP A 188 12.35 -10.31 16.41
N GLU A 189 12.97 -9.17 16.11
CA GLU A 189 13.99 -8.60 16.98
C GLU A 189 13.53 -8.43 18.44
N THR A 190 12.29 -7.98 18.64
CA THR A 190 11.80 -7.69 19.98
C THR A 190 10.72 -8.66 20.45
N ALA A 191 10.36 -9.64 19.63
CA ALA A 191 9.28 -10.59 19.96
C ALA A 191 9.43 -11.25 21.35
N TRP A 192 10.63 -11.72 21.65
CA TRP A 192 10.91 -12.40 22.92
C TRP A 192 10.53 -11.51 24.09
N GLU A 193 10.85 -10.22 23.94
CA GLU A 193 10.55 -9.22 24.94
C GLU A 193 9.03 -9.05 25.06
N LEU A 194 8.35 -8.90 23.93
CA LEU A 194 6.90 -8.67 23.99
C LEU A 194 6.16 -9.85 24.60
N MET A 195 6.67 -11.05 24.32
CA MET A 195 6.07 -12.25 24.84
C MET A 195 6.27 -12.37 26.35
N LEU A 196 7.42 -11.98 26.84
CA LEU A 196 7.67 -11.92 28.27
C LEU A 196 6.74 -10.94 28.94
N LEU A 197 6.37 -9.90 28.20
CA LEU A 197 5.47 -8.86 28.71
C LEU A 197 4.01 -9.17 28.48
N GLY A 198 3.70 -10.34 27.93
CA GLY A 198 2.27 -10.69 27.81
C GLY A 198 1.73 -11.04 26.44
N ALA A 199 2.53 -10.90 25.38
CA ALA A 199 2.06 -11.30 24.03
C ALA A 199 1.86 -12.80 23.97
N ASP A 200 0.87 -13.23 23.20
CA ASP A 200 0.56 -14.65 23.07
C ASP A 200 1.43 -15.39 22.07
N GLY A 201 2.29 -14.68 21.37
CA GLY A 201 3.13 -15.35 20.40
C GLY A 201 3.83 -14.38 19.45
N ASN A 202 4.38 -14.94 18.38
CA ASN A 202 5.19 -14.21 17.43
C ASN A 202 4.82 -14.68 16.05
N ILE A 203 4.33 -13.81 15.29
CA ILE A 203 3.99 -14.22 13.93
C ILE A 203 5.25 -13.88 13.15
N SER A 204 6.05 -14.81 12.96
CA SER A 204 7.48 -14.61 12.73
C SER A 204 7.96 -14.81 11.29
N VAL A 205 8.97 -14.04 10.94
CA VAL A 205 9.73 -14.25 9.70
C VAL A 205 10.86 -15.25 9.95
N THR A 206 11.61 -15.02 11.03
CA THR A 206 12.74 -15.86 11.37
C THR A 206 12.35 -17.33 11.52
N ALA A 207 11.11 -17.58 11.95
CA ALA A 207 10.63 -18.93 12.14
C ALA A 207 10.66 -19.72 10.82
N ASN A 208 10.77 -19.02 9.69
CA ASN A 208 10.89 -19.68 8.37
C ASN A 208 12.13 -20.54 8.25
N ILE A 209 13.23 -20.09 8.86
CA ILE A 209 14.50 -20.78 8.75
C ILE A 209 14.91 -21.49 10.03
N ALA A 210 14.37 -21.04 11.14
CA ALA A 210 14.71 -21.62 12.45
C ALA A 210 13.43 -21.94 13.24
N PRO A 211 12.55 -22.78 12.65
CA PRO A 211 11.27 -23.09 13.29
C PRO A 211 11.45 -23.66 14.70
N LYS A 212 12.44 -24.54 14.86
CA LYS A 212 12.68 -25.20 16.15
C LYS A 212 13.05 -24.18 17.21
N ALA A 213 14.10 -23.44 16.94
CA ALA A 213 14.62 -22.44 17.87
C ALA A 213 13.56 -21.39 18.21
N MET A 214 12.80 -20.94 17.22
CA MET A 214 11.76 -19.94 17.51
C MET A 214 10.63 -20.53 18.34
N SER A 215 10.28 -21.79 18.07
CA SER A 215 9.27 -22.50 18.85
C SER A 215 9.62 -22.48 20.33
N GLU A 216 10.88 -22.77 20.62
CA GLU A 216 11.41 -22.77 21.98
C GLU A 216 11.50 -21.38 22.58
N VAL A 217 11.92 -20.38 21.80
CA VAL A 217 11.99 -19.00 22.31
C VAL A 217 10.62 -18.57 22.78
N CYS A 218 9.60 -18.83 21.95
CA CYS A 218 8.23 -18.46 22.27
C CYS A 218 7.74 -19.18 23.52
N ALA A 219 7.97 -20.49 23.56
CA ALA A 219 7.47 -21.31 24.65
C ALA A 219 8.00 -20.78 25.99
N VAL A 220 9.30 -20.53 26.08
CA VAL A 220 9.88 -20.07 27.34
C VAL A 220 9.51 -18.62 27.64
N ALA A 221 9.31 -17.83 26.59
CA ALA A 221 8.91 -16.44 26.76
C ALA A 221 7.46 -16.33 27.24
N ILE A 222 6.61 -17.15 26.67
CA ILE A 222 5.23 -17.16 27.09
C ILE A 222 5.10 -17.67 28.53
N ALA A 223 6.01 -18.55 28.93
CA ALA A 223 6.07 -19.12 30.28
C ALA A 223 6.73 -18.16 31.26
N LYS A 224 7.10 -16.98 30.75
CA LYS A 224 7.63 -15.89 31.55
C LYS A 224 9.00 -16.16 32.12
N ASP A 225 9.76 -17.02 31.45
CA ASP A 225 11.15 -17.30 31.84
C ASP A 225 12.17 -16.36 31.17
N GLU A 226 12.43 -15.21 31.80
CA GLU A 226 13.26 -14.17 31.19
C GLU A 226 14.68 -14.61 30.80
N GLN A 227 15.36 -15.33 31.70
CA GLN A 227 16.72 -15.80 31.43
C GLN A 227 16.81 -16.79 30.26
N GLN A 228 15.88 -17.73 30.20
CA GLN A 228 15.91 -18.69 29.10
C GLN A 228 15.45 -18.06 27.77
N ALA A 229 14.53 -17.11 27.89
CA ALA A 229 14.05 -16.37 26.73
C ALA A 229 15.20 -15.62 26.07
N LYS A 230 16.01 -14.95 26.88
CA LYS A 230 17.18 -14.19 26.37
C LYS A 230 18.25 -15.10 25.81
N THR A 231 18.62 -16.12 26.58
CA THR A 231 19.68 -17.04 26.18
C THR A 231 19.31 -17.73 24.87
N LEU A 232 18.06 -18.16 24.74
CA LEU A 232 17.63 -18.84 23.51
C LEU A 232 17.54 -17.86 22.33
N ASN A 233 17.02 -16.67 22.61
CA ASN A 233 16.93 -15.65 21.55
C ASN A 233 18.29 -15.21 21.03
N ASN A 234 19.25 -15.06 21.94
CA ASN A 234 20.62 -14.73 21.60
C ASN A 234 21.17 -15.61 20.49
N LYS A 235 20.81 -16.89 20.50
CA LYS A 235 21.30 -17.84 19.49
C LYS A 235 20.87 -17.48 18.08
N ILE A 236 19.72 -16.84 17.95
CA ILE A 236 19.18 -16.49 16.63
C ILE A 236 18.83 -15.01 16.53
N ALA A 237 19.52 -14.18 17.32
CA ALA A 237 19.31 -12.72 17.28
C ALA A 237 19.88 -12.03 16.04
N ASN A 238 21.04 -12.46 15.57
CA ASN A 238 21.59 -11.89 14.36
C ASN A 238 20.68 -12.18 13.13
N LEU A 239 19.99 -13.32 13.16
CA LEU A 239 19.04 -13.66 12.08
C LEU A 239 17.90 -12.64 11.96
N HIS A 240 17.33 -12.22 13.09
CA HIS A 240 16.26 -11.21 13.10
C HIS A 240 16.71 -9.92 12.39
N ASN A 241 18.02 -9.66 12.40
CA ASN A 241 18.56 -8.45 11.79
C ASN A 241 18.80 -8.66 10.30
N ILE A 242 19.54 -9.71 9.97
CA ILE A 242 19.95 -9.96 8.60
C ILE A 242 18.80 -10.31 7.67
N LEU A 243 17.69 -10.81 8.24
CA LEU A 243 16.51 -11.15 7.42
C LEU A 243 15.75 -9.92 6.91
N PHE A 244 16.25 -8.73 7.26
CA PHE A 244 15.63 -7.49 6.82
C PHE A 244 16.63 -6.56 6.13
N CYS A 245 17.76 -7.12 5.67
CA CYS A 245 18.81 -6.33 4.99
C CYS A 245 18.27 -5.70 3.69
N GLU A 246 17.30 -6.38 3.08
CA GLU A 246 16.42 -5.78 2.09
C GLU A 246 15.02 -6.16 2.53
N SER A 247 13.99 -5.56 1.93
CA SER A 247 12.60 -5.76 2.36
C SER A 247 12.20 -7.24 2.43
N ASN A 248 11.66 -7.62 3.58
CA ASN A 248 11.06 -8.95 3.76
C ASN A 248 9.98 -9.08 2.68
N PRO A 249 9.84 -10.27 2.05
CA PRO A 249 10.57 -11.52 2.28
C PRO A 249 11.77 -11.78 1.35
N ILE A 250 12.35 -10.76 0.73
CA ILE A 250 13.53 -10.95 -0.14
C ILE A 250 14.64 -11.77 0.55
N PRO A 251 15.10 -11.32 1.73
CA PRO A 251 16.18 -12.06 2.36
C PRO A 251 15.78 -13.45 2.85
N VAL A 252 14.55 -13.61 3.36
CA VAL A 252 14.18 -14.92 3.91
C VAL A 252 14.00 -15.96 2.80
N LYS A 253 13.55 -15.51 1.63
CA LYS A 253 13.37 -16.45 0.51
C LYS A 253 14.73 -16.94 0.07
N TRP A 254 15.72 -16.05 0.10
CA TRP A 254 17.06 -16.43 -0.32
C TRP A 254 17.72 -17.34 0.70
N ALA A 255 17.46 -17.07 1.98
CA ALA A 255 18.00 -17.89 3.04
C ALA A 255 17.50 -19.31 2.87
N LEU A 256 16.20 -19.46 2.60
CA LEU A 256 15.61 -20.77 2.40
C LEU A 256 16.23 -21.45 1.18
N HIS A 257 16.55 -20.64 0.16
CA HIS A 257 17.29 -21.16 -1.00
C HIS A 257 18.69 -21.67 -0.61
N GLU A 258 19.40 -20.90 0.19
CA GLU A 258 20.74 -21.27 0.66
C GLU A 258 20.68 -22.55 1.49
N MET A 259 19.53 -22.81 2.11
CA MET A 259 19.33 -24.02 2.89
C MET A 259 18.92 -25.19 2.01
N GLY A 260 18.69 -24.90 0.72
CA GLY A 260 18.30 -25.94 -0.24
C GLY A 260 16.84 -26.36 -0.21
N LEU A 261 15.96 -25.53 0.37
CA LEU A 261 14.54 -25.89 0.56
C LEU A 261 13.57 -25.34 -0.48
N ILE A 262 13.97 -24.26 -1.15
CA ILE A 262 13.14 -23.67 -2.20
C ILE A 262 14.02 -23.12 -3.30
N ASP A 263 13.42 -22.88 -4.47
CA ASP A 263 14.14 -22.29 -5.59
C ASP A 263 14.10 -20.75 -5.46
N THR A 264 14.64 -20.05 -6.45
CA THR A 264 14.94 -18.61 -6.32
C THR A 264 13.78 -17.70 -6.73
N GLY A 265 12.65 -18.29 -7.16
CA GLY A 265 11.51 -17.50 -7.64
C GLY A 265 10.97 -16.51 -6.62
N ILE A 266 10.66 -15.32 -7.13
CA ILE A 266 10.12 -14.21 -6.34
C ILE A 266 9.55 -13.25 -7.39
N ARG A 267 8.37 -12.69 -7.12
CA ARG A 267 7.61 -11.97 -8.14
C ARG A 267 7.79 -10.46 -8.12
N LEU A 268 8.05 -9.88 -9.31
CA LEU A 268 8.16 -8.42 -9.41
C LEU A 268 6.91 -7.75 -8.80
N PRO A 269 7.08 -6.62 -8.10
CA PRO A 269 8.29 -5.81 -8.05
C PRO A 269 9.39 -6.31 -7.11
N LEU A 270 9.17 -7.42 -6.40
CA LEU A 270 10.24 -7.97 -5.56
C LEU A 270 11.31 -8.65 -6.42
N THR A 271 12.54 -8.68 -5.93
CA THR A 271 13.67 -9.19 -6.70
C THR A 271 14.52 -10.13 -5.81
N PRO A 272 15.25 -11.08 -6.44
CA PRO A 272 16.14 -11.92 -5.60
C PRO A 272 17.09 -11.05 -4.80
N LEU A 273 17.41 -11.50 -3.58
CA LEU A 273 18.33 -10.75 -2.70
C LEU A 273 19.55 -10.29 -3.48
N ALA A 274 19.97 -9.04 -3.28
CA ALA A 274 21.15 -8.50 -3.97
C ALA A 274 22.41 -9.25 -3.57
N GLU A 275 23.24 -9.51 -4.57
CA GLU A 275 24.48 -10.26 -4.46
C GLU A 275 25.32 -9.87 -3.25
N GLN A 276 25.42 -8.57 -2.99
CA GLN A 276 26.21 -8.07 -1.86
C GLN A 276 25.77 -8.57 -0.46
N TYR A 277 24.52 -9.02 -0.34
CA TYR A 277 23.98 -9.51 0.94
C TYR A 277 24.02 -11.02 1.08
N ARG A 278 24.34 -11.71 0.00
CA ARG A 278 24.26 -13.18 -0.04
C ARG A 278 25.30 -13.86 0.85
N GLU A 279 26.55 -13.39 0.78
CA GLU A 279 27.61 -14.02 1.56
C GLU A 279 27.42 -13.71 3.06
N PRO A 280 27.13 -12.43 3.41
CA PRO A 280 26.86 -12.14 4.82
C PRO A 280 25.72 -12.98 5.37
N LEU A 281 24.68 -13.21 4.55
CA LEU A 281 23.56 -14.06 4.92
C LEU A 281 24.01 -15.50 5.16
N ARG A 282 24.76 -16.06 4.21
CA ARG A 282 25.30 -17.42 4.33
C ARG A 282 26.03 -17.57 5.66
N ASN A 283 26.87 -16.59 5.95
CA ASN A 283 27.64 -16.56 7.19
C ASN A 283 26.77 -16.59 8.42
N ALA A 284 25.72 -15.77 8.42
CA ALA A 284 24.77 -15.70 9.54
C ALA A 284 24.11 -17.04 9.72
N LEU A 285 23.77 -17.69 8.60
CA LEU A 285 23.17 -19.02 8.66
C LEU A 285 24.14 -20.07 9.23
N LYS A 286 25.42 -20.00 8.81
CA LYS A 286 26.44 -20.90 9.34
C LYS A 286 26.67 -20.62 10.82
N ASP A 287 26.86 -19.36 11.17
CA ASP A 287 27.02 -18.97 12.58
C ASP A 287 25.91 -19.48 13.49
N ALA A 288 24.67 -19.44 13.00
CA ALA A 288 23.51 -19.91 13.78
C ALA A 288 23.30 -21.43 13.66
N GLY A 289 24.19 -22.10 12.91
CA GLY A 289 24.11 -23.54 12.73
C GLY A 289 22.93 -24.01 11.89
N ILE A 290 22.36 -23.11 11.10
CA ILE A 290 21.26 -23.48 10.22
C ILE A 290 21.80 -24.25 9.02
N ILE A 291 22.95 -23.84 8.48
CA ILE A 291 23.62 -24.60 7.42
C ILE A 291 25.08 -24.86 7.83
N THR B 1 5.32 16.76 -23.46
CA THR B 1 3.99 17.01 -24.12
C THR B 1 2.85 17.47 -23.16
N ILE B 2 2.19 16.57 -22.41
CA ILE B 2 1.08 17.02 -21.52
C ILE B 2 1.57 18.04 -20.47
N GLN B 3 1.02 19.25 -20.51
CA GLN B 3 1.50 20.34 -19.65
C GLN B 3 0.35 21.10 -19.02
N GLY B 4 0.63 21.75 -17.90
CA GLY B 4 -0.35 22.63 -17.29
C GLY B 4 -1.07 22.03 -16.09
N SER B 5 -2.34 22.39 -15.93
CA SER B 5 -3.14 21.93 -14.78
C SER B 5 -3.83 20.61 -15.10
N ILE B 6 -3.41 19.57 -14.38
CA ILE B 6 -3.85 18.20 -14.65
C ILE B 6 -4.58 17.73 -13.40
N VAL B 7 -5.92 17.73 -13.46
CA VAL B 7 -6.70 17.37 -12.27
C VAL B 7 -6.69 15.85 -12.05
N ALA B 8 -6.41 15.43 -10.82
CA ALA B 8 -6.61 14.05 -10.42
C ALA B 8 -8.06 14.04 -9.98
N ILE B 9 -8.93 13.73 -10.92
CA ILE B 9 -10.36 13.89 -10.71
C ILE B 9 -10.87 12.87 -9.69
N VAL B 10 -11.67 13.34 -8.72
CA VAL B 10 -12.42 12.43 -7.86
C VAL B 10 -13.30 11.51 -8.71
N THR B 11 -13.72 10.39 -8.11
CA THR B 11 -14.72 9.53 -8.73
C THR B 11 -16.00 9.76 -7.94
N PRO B 12 -16.93 10.55 -8.51
CA PRO B 12 -18.20 10.85 -7.81
C PRO B 12 -18.98 9.57 -7.51
N MET B 13 -19.55 9.47 -6.32
CA MET B 13 -20.31 8.28 -5.93
C MET B 13 -21.70 8.59 -5.38
N LEU B 14 -22.67 7.72 -5.67
CA LEU B 14 -23.98 7.76 -5.00
C LEU B 14 -23.76 7.46 -3.53
N LYS B 15 -24.77 7.69 -2.69
CA LYS B 15 -24.64 7.42 -1.26
C LYS B 15 -24.32 5.95 -0.96
N ASP B 16 -24.79 5.04 -1.80
CA ASP B 16 -24.52 3.61 -1.57
C ASP B 16 -23.10 3.23 -2.03
N GLY B 17 -22.40 4.16 -2.67
CA GLY B 17 -21.04 3.90 -3.14
C GLY B 17 -20.91 3.64 -4.62
N GLY B 18 -22.03 3.40 -5.31
CA GLY B 18 -22.03 3.21 -6.75
C GLY B 18 -21.47 4.46 -7.42
N VAL B 19 -20.78 4.28 -8.55
CA VAL B 19 -20.25 5.43 -9.28
C VAL B 19 -21.40 6.29 -9.79
N ASP B 20 -21.32 7.58 -9.56
CA ASP B 20 -22.35 8.51 -9.99
C ASP B 20 -21.97 9.00 -11.37
N TRP B 21 -22.43 8.27 -12.39
CA TRP B 21 -22.06 8.51 -13.77
C TRP B 21 -22.49 9.88 -14.28
N LYS B 22 -23.67 10.35 -13.86
CA LYS B 22 -24.17 11.67 -14.26
C LYS B 22 -23.30 12.81 -13.74
N SER B 23 -23.06 12.82 -12.43
CA SER B 23 -22.12 13.79 -11.85
C SER B 23 -20.73 13.77 -12.49
N LEU B 24 -20.24 12.57 -12.79
CA LEU B 24 -18.91 12.46 -13.39
C LEU B 24 -18.88 13.18 -14.74
N GLU B 25 -19.91 12.94 -15.56
CA GLU B 25 -20.02 13.55 -16.86
C GLU B 25 -20.00 15.07 -16.74
N LYS B 26 -20.76 15.60 -15.79
CA LYS B 26 -20.83 17.04 -15.58
C LYS B 26 -19.49 17.61 -15.12
N LEU B 27 -18.81 16.89 -14.22
CA LEU B 27 -17.49 17.33 -13.75
C LEU B 27 -16.49 17.44 -14.90
N VAL B 28 -16.39 16.40 -15.71
CA VAL B 28 -15.50 16.43 -16.87
C VAL B 28 -15.79 17.62 -17.80
N GLU B 29 -17.08 17.85 -18.13
CA GLU B 29 -17.46 19.01 -18.97
C GLU B 29 -17.04 20.33 -18.29
N TRP B 30 -17.36 20.44 -17.00
CA TRP B 30 -17.03 21.61 -16.22
C TRP B 30 -15.52 21.89 -16.24
N HIS B 31 -14.71 20.85 -16.05
CA HIS B 31 -13.25 20.99 -16.10
C HIS B 31 -12.74 21.54 -17.42
N ILE B 32 -13.25 21.00 -18.52
CA ILE B 32 -12.83 21.44 -19.85
C ILE B 32 -13.23 22.89 -20.09
N GLU B 33 -14.44 23.24 -19.68
CA GLU B 33 -14.96 24.60 -19.82
C GLU B 33 -14.16 25.58 -18.96
N GLN B 34 -13.80 25.17 -17.75
CA GLN B 34 -13.07 26.01 -16.82
C GLN B 34 -11.59 26.15 -17.09
N GLY B 35 -11.05 25.37 -18.02
CA GLY B 35 -9.62 25.49 -18.39
C GLY B 35 -8.67 24.39 -17.90
N THR B 36 -9.18 23.36 -17.23
CA THR B 36 -8.30 22.22 -16.88
C THR B 36 -7.64 21.67 -18.15
N ASN B 37 -6.35 21.33 -18.09
CA ASN B 37 -5.59 20.96 -19.29
C ASN B 37 -5.59 19.47 -19.60
N SER B 38 -5.86 18.65 -18.59
CA SER B 38 -5.86 17.20 -18.72
C SER B 38 -6.48 16.63 -17.44
N ILE B 39 -6.91 15.37 -17.52
CA ILE B 39 -7.54 14.70 -16.40
C ILE B 39 -6.82 13.36 -16.17
N VAL B 40 -6.50 13.09 -14.92
CA VAL B 40 -6.04 11.80 -14.49
C VAL B 40 -7.28 11.10 -13.97
N ALA B 41 -7.62 10.00 -14.63
CA ALA B 41 -8.77 9.19 -14.27
C ALA B 41 -8.31 8.07 -13.34
N VAL B 42 -9.08 7.85 -12.27
CA VAL B 42 -8.82 6.81 -11.30
C VAL B 42 -7.36 6.81 -10.82
N GLY B 43 -6.89 7.97 -10.35
CA GLY B 43 -5.65 7.99 -9.56
C GLY B 43 -6.01 7.81 -8.08
N THR B 44 -5.12 8.25 -7.18
CA THR B 44 -5.35 8.13 -5.74
C THR B 44 -6.58 8.94 -5.32
N THR B 45 -6.68 10.16 -5.86
CA THR B 45 -7.80 11.05 -5.57
C THR B 45 -9.10 10.50 -6.14
N GLY B 46 -8.99 9.65 -7.16
CA GLY B 46 -10.15 9.03 -7.77
C GLY B 46 -10.51 7.68 -7.18
N GLU B 47 -9.95 7.36 -6.02
CA GLU B 47 -10.23 6.11 -5.30
C GLU B 47 -9.94 4.85 -6.13
N ALA B 48 -8.75 4.80 -6.75
CA ALA B 48 -8.32 3.62 -7.51
C ALA B 48 -8.41 2.36 -6.65
N SER B 49 -8.10 2.47 -5.37
CA SER B 49 -7.99 1.31 -4.47
C SER B 49 -9.30 0.56 -4.25
N THR B 50 -10.42 1.29 -4.24
CA THR B 50 -11.74 0.69 -3.95
C THR B 50 -12.65 0.49 -5.14
N LEU B 51 -12.19 0.85 -6.32
CA LEU B 51 -12.91 0.54 -7.54
C LEU B 51 -12.32 -0.74 -8.12
N SER B 52 -13.19 -1.62 -8.60
CA SER B 52 -12.77 -2.88 -9.22
C SER B 52 -12.08 -2.64 -10.56
N MET B 53 -11.44 -3.67 -11.12
CA MET B 53 -10.83 -3.50 -12.44
C MET B 53 -11.86 -3.10 -13.49
N GLU B 54 -13.06 -3.66 -13.40
CA GLU B 54 -14.11 -3.31 -14.34
C GLU B 54 -14.56 -1.85 -14.16
N GLU B 55 -14.65 -1.41 -12.90
CA GLU B 55 -14.93 0.00 -12.61
C GLU B 55 -13.82 0.94 -13.08
N HIS B 56 -12.55 0.54 -12.96
CA HIS B 56 -11.46 1.32 -13.53
C HIS B 56 -11.71 1.55 -15.02
N THR B 57 -12.07 0.47 -15.73
CA THR B 57 -12.34 0.51 -17.17
C THR B 57 -13.50 1.45 -17.50
N GLN B 58 -14.57 1.35 -16.73
CA GLN B 58 -15.76 2.17 -17.02
C GLN B 58 -15.51 3.68 -16.77
N VAL B 59 -14.80 4.01 -15.70
CA VAL B 59 -14.53 5.41 -15.36
C VAL B 59 -13.59 6.01 -16.41
N ILE B 60 -12.56 5.25 -16.78
CA ILE B 60 -11.62 5.68 -17.81
C ILE B 60 -12.40 5.91 -19.12
N LYS B 61 -13.21 4.92 -19.50
CA LYS B 61 -13.99 4.98 -20.74
C LYS B 61 -14.90 6.21 -20.80
N GLU B 62 -15.60 6.48 -19.70
CA GLU B 62 -16.55 7.59 -19.60
C GLU B 62 -15.88 8.95 -19.68
N ILE B 63 -14.72 9.08 -19.03
CA ILE B 63 -14.00 10.34 -19.07
C ILE B 63 -13.51 10.63 -20.49
N ILE B 64 -12.92 9.63 -21.13
CA ILE B 64 -12.52 9.77 -22.53
C ILE B 64 -13.71 10.12 -23.44
N ARG B 65 -14.83 9.44 -23.27
CA ARG B 65 -16.01 9.73 -24.06
C ARG B 65 -16.46 11.19 -23.92
N VAL B 66 -16.65 11.64 -22.67
CA VAL B 66 -17.08 13.01 -22.42
C VAL B 66 -16.06 14.04 -22.91
N ALA B 67 -14.76 13.77 -22.67
CA ALA B 67 -13.69 14.66 -23.11
C ALA B 67 -13.73 14.84 -24.62
N ASN B 68 -14.12 13.78 -25.33
CA ASN B 68 -14.33 13.83 -26.77
C ASN B 68 -13.12 14.46 -27.48
N LYS B 69 -11.94 14.04 -27.05
CA LYS B 69 -10.67 14.50 -27.63
C LYS B 69 -10.31 15.98 -27.38
N ARG B 70 -11.05 16.68 -26.52
CA ARG B 70 -10.75 18.11 -26.27
C ARG B 70 -9.48 18.30 -25.45
N ILE B 71 -9.23 17.39 -24.51
CA ILE B 71 -8.01 17.39 -23.69
C ILE B 71 -7.46 15.96 -23.55
N PRO B 72 -6.14 15.80 -23.32
CA PRO B 72 -5.66 14.43 -23.12
C PRO B 72 -6.11 13.83 -21.78
N ILE B 73 -6.32 12.52 -21.79
CA ILE B 73 -6.72 11.79 -20.61
C ILE B 73 -5.60 10.82 -20.17
N ILE B 74 -5.24 10.92 -18.90
CA ILE B 74 -4.24 10.02 -18.34
C ILE B 74 -5.00 9.02 -17.45
N ALA B 75 -4.70 7.73 -17.61
CA ALA B 75 -5.35 6.73 -16.77
C ALA B 75 -4.44 6.29 -15.66
N GLY B 76 -4.96 6.34 -14.42
CA GLY B 76 -4.27 5.75 -13.28
C GLY B 76 -4.32 4.24 -13.43
N THR B 77 -3.15 3.62 -13.47
CA THR B 77 -3.09 2.18 -13.69
C THR B 77 -2.09 1.49 -12.76
N GLY B 78 -1.74 2.14 -11.65
CA GLY B 78 -0.74 1.62 -10.71
C GLY B 78 -1.27 0.41 -9.96
N ALA B 79 -0.33 -0.43 -9.52
CA ALA B 79 -0.65 -1.61 -8.73
C ALA B 79 0.64 -2.00 -8.05
N ASN B 80 0.58 -2.81 -6.99
CA ASN B 80 1.83 -3.17 -6.34
C ASN B 80 2.32 -4.52 -6.84
N SER B 81 1.62 -5.04 -7.84
CA SER B 81 2.03 -6.24 -8.57
C SER B 81 2.38 -5.80 -10.00
N THR B 82 3.56 -6.14 -10.47
CA THR B 82 3.97 -5.83 -11.83
C THR B 82 2.99 -6.39 -12.87
N ARG B 83 2.60 -7.66 -12.67
CA ARG B 83 1.70 -8.31 -13.61
C ARG B 83 0.37 -7.56 -13.69
N GLU B 84 -0.14 -7.17 -12.53
CA GLU B 84 -1.39 -6.46 -12.49
C GLU B 84 -1.25 -5.07 -13.14
N ALA B 85 -0.13 -4.40 -12.89
CA ALA B 85 0.11 -3.07 -13.45
C ALA B 85 0.13 -3.19 -14.97
N ILE B 86 0.74 -4.27 -15.47
CA ILE B 86 0.73 -4.50 -16.93
C ILE B 86 -0.69 -4.63 -17.48
N GLU B 87 -1.54 -5.41 -16.81
CA GLU B 87 -2.92 -5.61 -17.27
C GLU B 87 -3.74 -4.31 -17.24
N LEU B 88 -3.59 -3.54 -16.15
CA LEU B 88 -4.33 -2.29 -16.03
C LEU B 88 -3.88 -1.32 -17.13
N THR B 89 -2.58 -1.29 -17.37
CA THR B 89 -1.99 -0.37 -18.32
C THR B 89 -2.37 -0.74 -19.75
N LYS B 90 -2.45 -2.04 -20.03
CA LYS B 90 -2.87 -2.48 -21.36
C LYS B 90 -4.33 -2.10 -21.59
N ALA B 91 -5.17 -2.28 -20.58
CA ALA B 91 -6.56 -1.90 -20.66
C ALA B 91 -6.68 -0.40 -20.96
N ALA B 92 -5.92 0.40 -20.24
CA ALA B 92 -5.92 1.85 -20.48
C ALA B 92 -5.57 2.17 -21.94
N LYS B 93 -4.50 1.55 -22.44
CA LYS B 93 -4.11 1.70 -23.85
C LYS B 93 -5.24 1.35 -24.81
N ASP B 94 -5.92 0.23 -24.55
CA ASP B 94 -6.97 -0.25 -25.44
C ASP B 94 -8.15 0.69 -25.42
N LEU B 95 -8.40 1.34 -24.28
CA LEU B 95 -9.49 2.31 -24.18
C LEU B 95 -9.16 3.66 -24.84
N GLY B 96 -7.92 3.82 -25.26
CA GLY B 96 -7.47 5.03 -25.92
C GLY B 96 -7.00 6.15 -24.98
N ALA B 97 -6.55 5.81 -23.78
CA ALA B 97 -5.87 6.75 -22.88
C ALA B 97 -4.63 7.32 -23.54
N ASP B 98 -4.34 8.59 -23.25
CA ASP B 98 -3.17 9.24 -23.81
C ASP B 98 -1.89 8.85 -23.13
N ALA B 99 -1.99 8.48 -21.87
CA ALA B 99 -0.85 8.08 -21.09
C ALA B 99 -1.36 7.36 -19.86
N ALA B 100 -0.45 6.76 -19.11
CA ALA B 100 -0.89 6.14 -17.87
C ALA B 100 -0.08 6.67 -16.70
N LEU B 101 -0.75 6.84 -15.56
CA LEU B 101 -0.04 7.25 -14.33
C LEU B 101 0.15 6.04 -13.41
N LEU B 102 1.41 5.70 -13.07
CA LEU B 102 1.67 4.53 -12.22
C LEU B 102 2.43 4.79 -10.95
N VAL B 103 1.70 4.79 -9.84
CA VAL B 103 2.34 4.94 -8.52
C VAL B 103 3.33 3.81 -8.29
N THR B 104 4.39 4.09 -7.53
CA THR B 104 5.33 3.04 -7.15
C THR B 104 4.59 1.95 -6.38
N PRO B 105 4.93 0.67 -6.60
CA PRO B 105 4.28 -0.37 -5.77
C PRO B 105 4.31 -0.01 -4.30
N TYR B 106 3.13 0.01 -3.68
CA TYR B 106 2.98 0.33 -2.28
C TYR B 106 2.93 -0.94 -1.47
N TYR B 107 3.17 -0.80 -0.17
CA TYR B 107 3.05 -1.91 0.81
C TYR B 107 4.13 -2.98 0.76
N ASN B 108 4.40 -3.56 -0.42
CA ASN B 108 5.47 -4.58 -0.53
C ASN B 108 6.94 -4.10 -0.57
N LYS B 109 7.17 -2.79 -0.69
CA LYS B 109 8.48 -2.18 -0.48
C LYS B 109 9.62 -2.78 -1.35
N PRO B 110 9.46 -2.73 -2.67
CA PRO B 110 10.53 -3.21 -3.53
C PRO B 110 11.85 -2.42 -3.36
N THR B 111 12.95 -3.02 -3.81
CA THR B 111 14.23 -2.32 -3.76
C THR B 111 14.21 -1.31 -4.92
N GLN B 112 15.20 -0.43 -4.97
CA GLN B 112 15.32 0.50 -6.10
C GLN B 112 15.45 -0.26 -7.42
N GLU B 113 16.26 -1.31 -7.43
CA GLU B 113 16.38 -2.15 -8.63
C GLU B 113 15.04 -2.80 -8.96
N GLY B 114 14.27 -3.13 -7.92
CA GLY B 114 12.93 -3.68 -8.10
C GLY B 114 11.97 -2.68 -8.74
N LEU B 115 12.05 -1.43 -8.30
CA LEU B 115 11.23 -0.38 -8.91
C LEU B 115 11.62 -0.23 -10.39
N TYR B 116 12.93 -0.27 -10.64
CA TYR B 116 13.46 -0.15 -12.00
C TYR B 116 12.91 -1.25 -12.89
N GLN B 117 12.92 -2.49 -12.37
CA GLN B 117 12.50 -3.64 -13.17
C GLN B 117 11.00 -3.63 -13.36
N HIS B 118 10.28 -3.18 -12.32
CA HIS B 118 8.83 -3.05 -12.35
C HIS B 118 8.44 -2.14 -13.53
N TYR B 119 8.98 -0.92 -13.56
CA TYR B 119 8.61 0.03 -14.59
C TYR B 119 9.13 -0.37 -15.99
N LYS B 120 10.35 -0.92 -16.03
CA LYS B 120 10.92 -1.42 -17.28
C LYS B 120 10.00 -2.48 -17.88
N ALA B 121 9.56 -3.42 -17.05
CA ALA B 121 8.74 -4.53 -17.52
C ALA B 121 7.44 -3.99 -18.06
N ILE B 122 6.88 -2.99 -17.39
CA ILE B 122 5.63 -2.38 -17.87
C ILE B 122 5.84 -1.66 -19.21
N ALA B 123 6.91 -0.87 -19.31
CA ALA B 123 7.19 -0.07 -20.51
C ALA B 123 7.35 -0.97 -21.73
N GLU B 124 8.01 -2.11 -21.53
CA GLU B 124 8.33 -3.03 -22.60
C GLU B 124 7.15 -3.88 -22.97
N ALA B 125 6.19 -4.03 -22.06
CA ALA B 125 5.00 -4.81 -22.33
C ALA B 125 3.86 -4.04 -22.98
N VAL B 126 3.83 -2.72 -22.82
CA VAL B 126 2.70 -1.93 -23.33
C VAL B 126 3.25 -0.67 -24.03
N GLU B 127 2.85 -0.44 -25.27
CA GLU B 127 3.27 0.78 -25.98
C GLU B 127 2.40 1.96 -25.61
N LEU B 128 2.70 2.57 -24.46
CA LEU B 128 1.90 3.70 -24.00
C LEU B 128 2.81 4.62 -23.22
N PRO B 129 2.62 5.95 -23.33
CA PRO B 129 3.49 6.80 -22.55
C PRO B 129 3.18 6.56 -21.07
N LEU B 130 4.22 6.41 -20.28
CA LEU B 130 4.03 6.13 -18.84
C LEU B 130 4.58 7.23 -17.96
N ILE B 131 3.80 7.59 -16.94
CA ILE B 131 4.23 8.60 -15.97
C ILE B 131 4.38 7.92 -14.62
N LEU B 132 5.60 7.95 -14.09
CA LEU B 132 5.91 7.42 -12.78
C LEU B 132 5.27 8.30 -11.71
N TYR B 133 5.13 7.75 -10.52
CA TYR B 133 4.50 8.52 -9.46
C TYR B 133 5.10 8.14 -8.13
N ASN B 134 5.72 9.12 -7.48
CA ASN B 134 6.38 8.91 -6.20
C ASN B 134 5.65 9.65 -5.07
N VAL B 135 5.23 8.90 -3.96
CA VAL B 135 4.50 9.42 -2.79
C VAL B 135 4.81 8.52 -1.59
N PRO B 136 6.10 8.68 -1.20
CA PRO B 136 6.65 7.83 -0.16
C PRO B 136 5.74 7.71 1.08
N GLY B 137 5.09 8.80 1.47
CA GLY B 137 4.25 8.83 2.68
C GLY B 137 3.10 7.84 2.61
N ARG B 138 2.60 7.58 1.39
CA ARG B 138 1.52 6.59 1.18
C ARG B 138 2.02 5.17 0.89
N THR B 139 3.18 5.05 0.25
CA THR B 139 3.61 3.79 -0.34
C THR B 139 4.58 2.95 0.51
N GLY B 140 5.32 3.61 1.42
CA GLY B 140 6.39 2.96 2.15
C GLY B 140 7.69 2.81 1.35
N VAL B 141 7.77 3.46 0.19
CA VAL B 141 8.97 3.37 -0.62
C VAL B 141 9.24 4.72 -1.30
N ASP B 142 10.52 5.04 -1.48
CA ASP B 142 10.87 6.30 -2.10
C ASP B 142 11.68 6.06 -3.38
N LEU B 143 11.09 6.29 -4.55
CA LEU B 143 11.84 6.17 -5.79
C LEU B 143 12.87 7.31 -5.78
N SER B 144 14.16 6.96 -5.68
CA SER B 144 15.20 7.98 -5.70
C SER B 144 15.25 8.78 -7.02
N ASN B 145 15.85 9.96 -6.94
CA ASN B 145 16.15 10.71 -8.14
C ASN B 145 17.03 9.92 -9.12
N ASP B 146 18.03 9.22 -8.59
CA ASP B 146 18.94 8.38 -9.39
C ASP B 146 18.17 7.30 -10.17
N THR B 147 17.27 6.58 -9.48
CA THR B 147 16.44 5.61 -10.18
C THR B 147 15.52 6.28 -11.19
N ALA B 148 14.96 7.44 -10.81
CA ALA B 148 14.09 8.19 -11.71
C ALA B 148 14.83 8.57 -13.02
N VAL B 149 16.07 9.02 -12.86
CA VAL B 149 16.96 9.37 -13.99
C VAL B 149 17.26 8.15 -14.85
N ARG B 150 17.60 7.02 -14.23
CA ARG B 150 17.79 5.76 -14.95
C ARG B 150 16.56 5.43 -15.78
N LEU B 151 15.38 5.56 -15.18
CA LEU B 151 14.14 5.18 -15.88
C LEU B 151 13.75 6.06 -17.07
N ALA B 152 14.20 7.32 -17.06
CA ALA B 152 13.87 8.25 -18.14
C ALA B 152 14.56 7.82 -19.45
N GLU B 153 15.56 6.94 -19.34
CA GLU B 153 16.24 6.38 -20.54
C GLU B 153 15.38 5.33 -21.25
N ILE B 154 14.43 4.74 -20.51
CA ILE B 154 13.54 3.71 -21.06
C ILE B 154 12.48 4.36 -21.97
N PRO B 155 12.37 3.86 -23.22
CA PRO B 155 11.32 4.36 -24.10
C PRO B 155 9.94 4.13 -23.47
N ASN B 156 9.05 5.11 -23.64
CA ASN B 156 7.69 5.06 -23.05
C ASN B 156 7.60 5.43 -21.56
N ILE B 157 8.72 5.76 -20.92
CA ILE B 157 8.71 6.41 -19.60
C ILE B 157 8.89 7.90 -19.85
N VAL B 158 7.79 8.66 -19.83
CA VAL B 158 7.83 10.06 -20.28
C VAL B 158 7.69 11.10 -19.16
N GLY B 159 7.54 10.67 -17.91
CA GLY B 159 7.43 11.68 -16.87
C GLY B 159 7.33 11.08 -15.50
N ILE B 160 7.42 11.92 -14.51
CA ILE B 160 7.27 11.55 -13.12
C ILE B 160 6.43 12.55 -12.34
N LYS B 161 5.46 12.06 -11.58
CA LYS B 161 4.69 12.86 -10.63
C LYS B 161 5.39 12.81 -9.30
N ASP B 162 5.95 13.93 -8.92
CA ASP B 162 6.77 14.03 -7.72
C ASP B 162 5.92 14.65 -6.62
N ALA B 163 5.45 13.80 -5.71
CA ALA B 163 4.56 14.27 -4.62
C ALA B 163 5.28 14.49 -3.29
N THR B 164 6.61 14.55 -3.33
CA THR B 164 7.38 14.70 -2.10
C THR B 164 7.17 16.06 -1.46
N GLY B 165 6.81 17.07 -2.26
CA GLY B 165 6.74 18.45 -1.76
C GLY B 165 8.11 18.98 -1.33
N ASP B 166 9.17 18.25 -1.70
CA ASP B 166 10.54 18.64 -1.41
C ASP B 166 11.11 19.41 -2.62
N VAL B 167 11.00 20.74 -2.58
CA VAL B 167 11.34 21.58 -3.75
C VAL B 167 12.81 21.47 -4.20
N PRO B 168 13.78 21.63 -3.26
CA PRO B 168 15.17 21.48 -3.69
C PRO B 168 15.43 20.14 -4.41
N ARG B 169 14.88 19.06 -3.86
CA ARG B 169 15.04 17.74 -4.44
C ARG B 169 14.41 17.64 -5.85
N GLY B 170 13.23 18.22 -6.02
CA GLY B 170 12.57 18.21 -7.32
C GLY B 170 13.33 19.02 -8.36
N LYS B 171 13.89 20.16 -7.93
CA LYS B 171 14.74 20.96 -8.80
C LYS B 171 15.98 20.15 -9.20
N ALA B 172 16.58 19.49 -8.22
CA ALA B 172 17.72 18.60 -8.49
C ALA B 172 17.37 17.56 -9.59
N LEU B 173 16.15 17.02 -9.52
CA LEU B 173 15.70 16.00 -10.48
C LEU B 173 15.51 16.62 -11.87
N ILE B 174 14.81 17.75 -11.92
CA ILE B 174 14.60 18.49 -13.17
C ILE B 174 15.94 18.80 -13.85
N ASP B 175 16.90 19.27 -13.06
CA ASP B 175 18.24 19.61 -13.55
C ASP B 175 19.02 18.39 -14.04
N ALA B 176 18.95 17.29 -13.29
CA ALA B 176 19.64 16.07 -13.71
C ALA B 176 19.07 15.51 -15.01
N LEU B 177 17.75 15.60 -15.16
CA LEU B 177 17.08 15.03 -16.32
C LEU B 177 17.41 15.79 -17.61
N ASN B 178 17.60 17.09 -17.49
CA ASN B 178 17.83 17.96 -18.65
C ASN B 178 16.86 17.67 -19.80
N GLY B 179 15.56 17.65 -19.46
CA GLY B 179 14.52 17.43 -20.47
C GLY B 179 14.25 16.01 -20.95
N LYS B 180 14.99 15.02 -20.45
CA LYS B 180 14.82 13.64 -20.90
C LYS B 180 13.42 13.06 -20.63
N MET B 181 12.80 13.54 -19.55
CA MET B 181 11.37 13.28 -19.30
C MET B 181 10.74 14.42 -18.48
N ALA B 182 9.42 14.48 -18.47
CA ALA B 182 8.72 15.54 -17.77
C ALA B 182 8.73 15.31 -16.25
N VAL B 183 8.70 16.40 -15.48
CA VAL B 183 8.49 16.35 -14.02
C VAL B 183 7.19 17.09 -13.74
N TYR B 184 6.29 16.42 -13.00
CA TYR B 184 5.05 17.06 -12.56
C TYR B 184 5.05 17.16 -11.06
N SER B 185 4.55 18.26 -10.55
CA SER B 185 4.32 18.33 -9.13
C SER B 185 3.14 17.41 -8.74
N GLY B 186 3.24 16.81 -7.56
CA GLY B 186 2.13 16.08 -6.98
C GLY B 186 1.85 16.67 -5.63
N ASP B 187 2.32 17.89 -5.41
CA ASP B 187 2.13 18.60 -4.13
C ASP B 187 1.61 20.01 -4.37
N ASP B 188 0.29 20.18 -4.29
CA ASP B 188 -0.33 21.47 -4.56
C ASP B 188 0.35 22.65 -3.84
N GLU B 189 0.64 22.48 -2.56
CA GLU B 189 1.29 23.51 -1.74
C GLU B 189 2.51 24.15 -2.43
N THR B 190 3.38 23.30 -2.98
CA THR B 190 4.62 23.77 -3.60
C THR B 190 4.64 23.73 -5.16
N ALA B 191 3.53 23.38 -5.79
CA ALA B 191 3.49 23.16 -7.25
C ALA B 191 3.90 24.42 -8.03
N TRP B 192 3.42 25.58 -7.58
CA TRP B 192 3.77 26.83 -8.23
C TRP B 192 5.29 27.03 -8.29
N GLU B 193 5.99 26.69 -7.20
CA GLU B 193 7.44 26.78 -7.17
C GLU B 193 8.08 25.80 -8.15
N LEU B 194 7.64 24.54 -8.12
CA LEU B 194 8.25 23.53 -8.98
C LEU B 194 8.12 23.90 -10.45
N MET B 195 6.98 24.44 -10.80
CA MET B 195 6.71 24.83 -12.17
C MET B 195 7.50 26.05 -12.58
N LEU B 196 7.67 26.98 -11.65
CA LEU B 196 8.59 28.10 -11.92
C LEU B 196 10.01 27.56 -12.07
N LEU B 197 10.31 26.43 -11.44
CA LEU B 197 11.66 25.84 -11.56
C LEU B 197 11.82 24.86 -12.73
N GLY B 198 10.79 24.72 -13.55
CA GLY B 198 10.88 23.91 -14.78
C GLY B 198 9.96 22.69 -14.88
N ALA B 199 9.09 22.48 -13.89
CA ALA B 199 8.16 21.36 -13.97
C ALA B 199 7.13 21.65 -15.05
N ASP B 200 6.60 20.59 -15.67
CA ASP B 200 5.68 20.69 -16.80
C ASP B 200 4.23 20.92 -16.42
N GLY B 201 3.92 20.70 -15.16
CA GLY B 201 2.58 20.93 -14.70
C GLY B 201 2.38 20.47 -13.28
N ASN B 202 1.12 20.41 -12.89
CA ASN B 202 0.72 20.04 -11.58
C ASN B 202 -0.40 19.04 -11.69
N ILE B 203 -0.15 17.83 -11.19
CA ILE B 203 -1.22 16.82 -11.16
C ILE B 203 -1.86 17.04 -9.81
N SER B 204 -3.03 17.70 -9.86
CA SER B 204 -3.51 18.50 -8.73
C SER B 204 -4.74 17.97 -8.04
N VAL B 205 -4.75 18.11 -6.71
CA VAL B 205 -5.97 17.86 -5.96
C VAL B 205 -6.83 19.14 -5.94
N THR B 206 -6.20 20.27 -5.62
CA THR B 206 -6.92 21.54 -5.53
C THR B 206 -7.68 21.86 -6.83
N ALA B 207 -7.13 21.45 -7.99
CA ALA B 207 -7.80 21.76 -9.27
C ALA B 207 -9.18 21.17 -9.33
N ASN B 208 -9.45 20.13 -8.50
CA ASN B 208 -10.83 19.58 -8.43
C ASN B 208 -11.89 20.60 -8.10
N ILE B 209 -11.54 21.58 -7.27
CA ILE B 209 -12.53 22.54 -6.80
C ILE B 209 -12.21 23.95 -7.28
N ALA B 210 -10.97 24.18 -7.71
CA ALA B 210 -10.61 25.52 -8.25
C ALA B 210 -9.93 25.33 -9.62
N PRO B 211 -10.66 24.75 -10.59
CA PRO B 211 -10.01 24.41 -11.86
C PRO B 211 -9.54 25.66 -12.63
N LYS B 212 -10.36 26.71 -12.67
CA LYS B 212 -9.95 27.91 -13.40
C LYS B 212 -8.70 28.49 -12.78
N ALA B 213 -8.73 28.67 -11.45
CA ALA B 213 -7.62 29.26 -10.72
C ALA B 213 -6.32 28.47 -10.87
N MET B 214 -6.43 27.14 -10.81
CA MET B 214 -5.24 26.32 -10.91
C MET B 214 -4.73 26.33 -12.35
N SER B 215 -5.64 26.34 -13.34
CA SER B 215 -5.22 26.47 -14.75
C SER B 215 -4.43 27.76 -14.96
N GLU B 216 -4.79 28.80 -14.22
CA GLU B 216 -4.13 30.09 -14.38
C GLU B 216 -2.79 30.06 -13.66
N VAL B 217 -2.74 29.45 -12.47
CA VAL B 217 -1.50 29.34 -11.76
C VAL B 217 -0.46 28.54 -12.56
N CYS B 218 -0.87 27.44 -13.17
CA CYS B 218 0.05 26.64 -13.97
C CYS B 218 0.51 27.41 -15.21
N ALA B 219 -0.42 28.03 -15.91
CA ALA B 219 -0.04 28.85 -17.09
C ALA B 219 1.05 29.90 -16.77
N VAL B 220 0.85 30.67 -15.69
CA VAL B 220 1.82 31.70 -15.38
C VAL B 220 3.11 31.15 -14.82
N ALA B 221 3.03 30.05 -14.07
CA ALA B 221 4.24 29.43 -13.54
C ALA B 221 5.08 28.83 -14.65
N ILE B 222 4.44 28.20 -15.63
CA ILE B 222 5.14 27.61 -16.77
C ILE B 222 5.80 28.71 -17.61
N ALA B 223 5.07 29.83 -17.68
CA ALA B 223 5.59 31.01 -18.38
C ALA B 223 6.74 31.67 -17.62
N LYS B 224 7.01 31.19 -16.40
CA LYS B 224 8.11 31.68 -15.56
C LYS B 224 7.84 33.08 -15.01
N ASP B 225 6.57 33.42 -14.89
CA ASP B 225 6.21 34.72 -14.30
C ASP B 225 6.08 34.52 -12.79
N GLU B 226 7.20 34.65 -12.09
CA GLU B 226 7.23 34.44 -10.64
C GLU B 226 6.23 35.26 -9.85
N GLN B 227 6.08 36.55 -10.18
CA GLN B 227 5.17 37.36 -9.38
C GLN B 227 3.69 36.99 -9.60
N GLN B 228 3.31 36.79 -10.86
CA GLN B 228 1.96 36.34 -11.13
C GLN B 228 1.68 35.00 -10.45
N ALA B 229 2.67 34.12 -10.43
CA ALA B 229 2.50 32.78 -9.84
C ALA B 229 2.27 32.91 -8.34
N LYS B 230 3.10 33.69 -7.67
CA LYS B 230 2.91 33.95 -6.23
C LYS B 230 1.56 34.48 -5.96
N THR B 231 1.13 35.48 -6.76
CA THR B 231 -0.10 36.19 -6.48
C THR B 231 -1.33 35.32 -6.65
N LEU B 232 -1.41 34.64 -7.80
CA LEU B 232 -2.56 33.79 -8.09
C LEU B 232 -2.60 32.60 -7.12
N ASN B 233 -1.42 32.02 -6.80
CA ASN B 233 -1.36 30.87 -5.88
C ASN B 233 -1.80 31.30 -4.47
N ASN B 234 -1.33 32.47 -4.04
CA ASN B 234 -1.69 33.00 -2.76
C ASN B 234 -3.19 32.97 -2.50
N LYS B 235 -3.98 33.37 -3.51
CA LYS B 235 -5.44 33.35 -3.40
C LYS B 235 -6.04 31.96 -3.09
N ILE B 236 -5.35 30.87 -3.44
CA ILE B 236 -5.88 29.50 -3.18
C ILE B 236 -4.97 28.65 -2.30
N ALA B 237 -3.97 29.30 -1.69
CA ALA B 237 -2.95 28.62 -0.89
C ALA B 237 -3.54 27.85 0.29
N ASN B 238 -4.58 28.39 0.91
CA ASN B 238 -5.19 27.76 2.07
C ASN B 238 -5.94 26.49 1.67
N LEU B 239 -6.42 26.44 0.42
CA LEU B 239 -7.09 25.24 -0.05
C LEU B 239 -6.11 24.09 -0.17
N HIS B 240 -4.90 24.37 -0.63
CA HIS B 240 -3.87 23.34 -0.71
C HIS B 240 -3.66 22.70 0.68
N ASN B 241 -3.99 23.45 1.74
CA ASN B 241 -3.76 22.98 3.12
C ASN B 241 -4.96 22.23 3.68
N ILE B 242 -6.13 22.88 3.61
CA ILE B 242 -7.35 22.33 4.17
C ILE B 242 -7.82 21.04 3.48
N LEU B 243 -7.44 20.85 2.22
CA LEU B 243 -7.83 19.66 1.45
C LEU B 243 -7.14 18.38 1.91
N PHE B 244 -6.20 18.53 2.85
CA PHE B 244 -5.49 17.41 3.43
C PHE B 244 -5.66 17.37 4.98
N CYS B 245 -6.72 18.00 5.48
CA CYS B 245 -6.98 17.96 6.93
C CYS B 245 -7.25 16.52 7.37
N GLU B 246 -7.80 15.74 6.45
CA GLU B 246 -7.84 14.27 6.56
C GLU B 246 -7.31 13.76 5.22
N SER B 247 -6.96 12.49 5.16
CA SER B 247 -6.37 11.90 3.98
C SER B 247 -7.18 12.18 2.71
N ASN B 248 -6.51 12.78 1.72
CA ASN B 248 -7.05 12.93 0.38
C ASN B 248 -7.46 11.53 -0.13
N PRO B 249 -8.63 11.41 -0.79
CA PRO B 249 -9.55 12.47 -1.22
C PRO B 249 -10.72 12.77 -0.28
N ILE B 250 -10.58 12.50 1.01
CA ILE B 250 -11.73 12.71 1.92
C ILE B 250 -12.23 14.16 1.88
N PRO B 251 -11.35 15.14 2.18
CA PRO B 251 -11.78 16.55 2.17
C PRO B 251 -12.25 17.05 0.82
N VAL B 252 -11.54 16.69 -0.26
CA VAL B 252 -11.94 17.20 -1.56
C VAL B 252 -13.29 16.70 -2.04
N LYS B 253 -13.64 15.45 -1.73
CA LYS B 253 -15.00 15.00 -2.05
C LYS B 253 -16.03 15.79 -1.25
N TRP B 254 -15.75 16.04 0.02
CA TRP B 254 -16.68 16.82 0.82
C TRP B 254 -16.82 18.24 0.26
N ALA B 255 -15.69 18.82 -0.12
CA ALA B 255 -15.67 20.16 -0.72
C ALA B 255 -16.58 20.23 -1.97
N LEU B 256 -16.46 19.24 -2.87
CA LEU B 256 -17.35 19.20 -4.04
C LEU B 256 -18.82 19.01 -3.67
N HIS B 257 -19.07 18.35 -2.54
CA HIS B 257 -20.46 18.16 -2.12
C HIS B 257 -21.04 19.50 -1.61
N GLU B 258 -20.24 20.24 -0.88
CA GLU B 258 -20.62 21.58 -0.43
C GLU B 258 -20.84 22.57 -1.61
N MET B 259 -20.38 22.20 -2.79
CA MET B 259 -20.47 23.03 -3.99
C MET B 259 -21.65 22.55 -4.80
N GLY B 260 -22.33 21.52 -4.28
CA GLY B 260 -23.49 20.95 -4.95
C GLY B 260 -23.15 20.16 -6.20
N LEU B 261 -21.89 19.76 -6.36
CA LEU B 261 -21.47 19.09 -7.59
C LEU B 261 -21.54 17.56 -7.55
N ILE B 262 -21.36 16.97 -6.39
CA ILE B 262 -21.41 15.49 -6.28
C ILE B 262 -22.11 15.15 -4.99
N ASP B 263 -22.56 13.89 -4.88
CA ASP B 263 -23.18 13.38 -3.67
C ASP B 263 -22.10 12.95 -2.67
N THR B 264 -22.51 12.37 -1.53
CA THR B 264 -21.59 12.10 -0.43
C THR B 264 -20.83 10.77 -0.55
N GLY B 265 -21.12 10.01 -1.59
CA GLY B 265 -20.54 8.67 -1.76
C GLY B 265 -19.02 8.62 -1.65
N ILE B 266 -18.53 7.61 -0.93
CA ILE B 266 -17.09 7.41 -0.71
C ILE B 266 -16.90 6.02 -0.09
N ARG B 267 -15.94 5.25 -0.59
CA ARG B 267 -15.88 3.83 -0.26
C ARG B 267 -14.95 3.49 0.89
N LEU B 268 -15.47 2.67 1.80
CA LEU B 268 -14.67 2.15 2.91
C LEU B 268 -13.44 1.47 2.33
N PRO B 269 -12.28 1.60 3.00
CA PRO B 269 -12.10 2.16 4.33
C PRO B 269 -12.08 3.69 4.44
N LEU B 270 -12.24 4.41 3.32
CA LEU B 270 -12.36 5.85 3.42
C LEU B 270 -13.75 6.21 3.94
N THR B 271 -13.86 7.39 4.57
CA THR B 271 -15.07 7.85 5.22
C THR B 271 -15.36 9.32 4.85
N PRO B 272 -16.64 9.73 4.91
CA PRO B 272 -16.97 11.13 4.65
C PRO B 272 -16.23 12.00 5.64
N LEU B 273 -15.82 13.19 5.20
CA LEU B 273 -15.10 14.12 6.06
C LEU B 273 -15.79 14.23 7.42
N ALA B 274 -15.00 14.06 8.46
CA ALA B 274 -15.50 14.08 9.83
C ALA B 274 -16.21 15.40 10.06
N GLU B 275 -17.37 15.29 10.68
CA GLU B 275 -18.22 16.41 11.05
C GLU B 275 -17.50 17.73 11.42
N GLN B 276 -16.44 17.68 12.19
CA GLN B 276 -15.81 18.87 12.78
C GLN B 276 -15.01 19.68 11.76
N TYR B 277 -14.71 19.06 10.61
CA TYR B 277 -13.91 19.72 9.58
C TYR B 277 -14.79 20.38 8.55
N ARG B 278 -16.08 20.16 8.64
CA ARG B 278 -16.99 20.59 7.58
C ARG B 278 -17.12 22.09 7.53
N GLU B 279 -17.32 22.71 8.70
CA GLU B 279 -17.47 24.17 8.82
C GLU B 279 -16.19 24.91 8.43
N PRO B 280 -15.02 24.49 8.99
CA PRO B 280 -13.74 25.08 8.57
C PRO B 280 -13.51 24.98 7.05
N LEU B 281 -13.94 23.88 6.44
CA LEU B 281 -13.81 23.70 4.99
C LEU B 281 -14.73 24.68 4.25
N ARG B 282 -15.99 24.79 4.69
CA ARG B 282 -16.92 25.72 4.05
C ARG B 282 -16.41 27.17 4.14
N ASN B 283 -15.75 27.49 5.25
CA ASN B 283 -15.18 28.82 5.45
C ASN B 283 -14.03 29.13 4.51
N ALA B 284 -13.18 28.11 4.29
CA ALA B 284 -12.04 28.19 3.38
C ALA B 284 -12.52 28.34 1.94
N LEU B 285 -13.59 27.64 1.60
CA LEU B 285 -14.22 27.75 0.28
C LEU B 285 -14.80 29.14 0.06
N LYS B 286 -15.46 29.67 1.11
CA LYS B 286 -16.04 31.02 1.03
C LYS B 286 -14.94 32.06 0.89
N ASP B 287 -13.91 31.95 1.74
CA ASP B 287 -12.73 32.82 1.67
C ASP B 287 -12.12 32.87 0.27
N ALA B 288 -11.85 31.70 -0.30
CA ALA B 288 -11.30 31.58 -1.65
C ALA B 288 -12.27 32.00 -2.76
N GLY B 289 -13.52 32.22 -2.39
CA GLY B 289 -14.54 32.65 -3.35
C GLY B 289 -15.07 31.53 -4.21
N ILE B 290 -14.89 30.29 -3.74
CA ILE B 290 -15.37 29.15 -4.48
C ILE B 290 -16.89 29.02 -4.33
N ILE B 291 -17.40 29.22 -3.10
CA ILE B 291 -18.84 29.28 -2.84
C ILE B 291 -19.19 30.60 -2.14
C4 2KT C . 5.99 -10.68 9.51
C3 2KT C . 4.72 -11.26 9.94
C2 2KT C . 3.58 -10.46 9.40
C 2KT C . 3.22 -10.85 8.03
OXT 2KT C . 2.08 -10.76 7.65
O 2KT C . 4.04 -11.29 7.29
C4 2KT D . -2.36 14.43 -7.34
C3 2KT D . -2.82 13.15 -6.67
C2 2KT D . -2.31 11.96 -7.43
C 2KT D . -3.06 10.71 -7.44
OXT 2KT D . -2.55 9.70 -7.97
O 2KT D . -4.19 10.68 -6.91
#